data_1L8T
#
_entry.id   1L8T
#
_cell.length_a   46.629
_cell.length_b   46.629
_cell.length_c   301.289
_cell.angle_alpha   90.00
_cell.angle_beta   90.00
_cell.angle_gamma   90.00
#
_symmetry.space_group_name_H-M   'P 43 2 2'
#
loop_
_entity.id
_entity.type
_entity.pdbx_description
1 polymer "Aminoglycoside 3'-Phosphotransferase"
2 non-polymer 'MAGNESIUM ION'
3 non-polymer "ADENOSINE-5'-DIPHOSPHATE"
4 non-polymer 'KANAMYCIN A'
5 water water
#
_entity_poly.entity_id   1
_entity_poly.type   'polypeptide(L)'
_entity_poly.pdbx_seq_one_letter_code
;AKMRISPELKKLIEKYRCVKDTEGMSPAKVYKLVGENENLYLKMTDSRYKGTTYDVEREKDMMLWLEGKLPVPKVLHFER
HDGWSNLLMSEADGVLCSEEYEDEQSPEKIIELYAECIRLFHSIDISDCPYTNSLDSRLAELDYLLNNDLADVDCENWEE
DTPFKDPRELYDFLKTEKPEEELVFSHGDLGDSNIFVKDGKVSGFIDLGRSGRADKWYDIAFCVRSIREDIGEEQYVELF
FDLLGIKPDWEKIKYYILLDELF
;
_entity_poly.pdbx_strand_id   A
#
# COMPACT_ATOMS: atom_id res chain seq x y z
N ALA A 1 2.97 -27.30 11.15
CA ALA A 1 2.24 -26.49 10.14
C ALA A 1 0.73 -26.61 10.33
N LYS A 2 0.21 -25.91 11.34
CA LYS A 2 -1.22 -25.95 11.64
C LYS A 2 -2.00 -25.05 10.67
N MET A 3 -1.29 -24.47 9.72
CA MET A 3 -1.88 -23.61 8.69
C MET A 3 -2.22 -22.16 9.03
N ARG A 4 -2.34 -21.82 10.31
CA ARG A 4 -2.70 -20.43 10.62
C ARG A 4 -2.20 -19.77 11.91
N ILE A 5 -3.11 -19.51 12.84
CA ILE A 5 -2.78 -18.82 14.08
C ILE A 5 -2.51 -19.68 15.30
N SER A 6 -1.72 -19.13 16.21
CA SER A 6 -1.35 -19.80 17.46
C SER A 6 -2.51 -19.77 18.43
N PRO A 7 -2.41 -20.52 19.53
CA PRO A 7 -3.47 -20.56 20.54
C PRO A 7 -3.77 -19.18 21.14
N GLU A 8 -2.72 -18.54 21.68
CA GLU A 8 -2.84 -17.22 22.30
C GLU A 8 -3.70 -16.29 21.45
N LEU A 9 -3.28 -16.09 20.21
CA LEU A 9 -4.00 -15.24 19.30
C LEU A 9 -5.45 -15.71 19.09
N LYS A 10 -5.66 -17.03 19.20
CA LYS A 10 -7.00 -17.58 19.03
C LYS A 10 -7.84 -17.14 20.21
N LYS A 11 -7.23 -17.16 21.39
CA LYS A 11 -7.92 -16.75 22.61
C LYS A 11 -8.24 -15.24 22.55
N LEU A 12 -7.27 -14.46 22.07
CA LEU A 12 -7.42 -13.01 21.96
C LEU A 12 -8.59 -12.54 21.09
N ILE A 13 -8.84 -13.25 20.00
CA ILE A 13 -9.92 -12.87 19.09
C ILE A 13 -11.25 -13.55 19.37
N GLU A 14 -11.26 -14.52 20.28
CA GLU A 14 -12.48 -15.26 20.60
C GLU A 14 -13.67 -14.35 20.90
N LYS A 15 -13.45 -13.37 21.76
CA LYS A 15 -14.50 -12.44 22.13
C LYS A 15 -15.17 -11.80 20.91
N TYR A 16 -14.41 -11.64 19.84
CA TYR A 16 -14.92 -10.99 18.63
C TYR A 16 -15.53 -11.89 17.58
N ARG A 17 -16.49 -11.33 16.85
CA ARG A 17 -17.15 -12.03 15.75
C ARG A 17 -16.22 -11.77 14.56
N CYS A 18 -15.53 -12.81 14.11
CA CYS A 18 -14.61 -12.70 12.99
C CYS A 18 -15.28 -12.60 11.62
N VAL A 19 -14.95 -11.55 10.86
CA VAL A 19 -15.51 -11.33 9.52
C VAL A 19 -14.39 -11.16 8.49
N LYS A 20 -14.26 -12.12 7.59
CA LYS A 20 -13.21 -12.12 6.57
C LYS A 20 -13.34 -11.04 5.50
N ASP A 21 -12.34 -10.18 5.39
CA ASP A 21 -12.34 -9.13 4.38
C ASP A 21 -12.43 -9.76 3.00
N THR A 22 -12.99 -9.02 2.06
CA THR A 22 -13.15 -9.48 0.68
C THR A 22 -12.64 -8.44 -0.32
N GLU A 23 -12.05 -7.36 0.21
CA GLU A 23 -11.53 -6.30 -0.64
C GLU A 23 -10.06 -6.53 -0.99
N GLY A 24 -9.23 -6.78 0.03
CA GLY A 24 -7.83 -7.02 -0.20
C GLY A 24 -7.54 -7.96 -1.35
N MET A 25 -6.71 -7.52 -2.28
CA MET A 25 -6.35 -8.31 -3.44
C MET A 25 -4.96 -8.92 -3.28
N SER A 26 -4.32 -8.63 -2.17
CA SER A 26 -2.98 -9.16 -1.95
C SER A 26 -3.07 -10.62 -1.55
N PRO A 27 -1.90 -11.26 -1.36
CA PRO A 27 -1.90 -12.67 -0.97
C PRO A 27 -2.22 -12.79 0.53
N ALA A 28 -2.26 -11.65 1.21
CA ALA A 28 -2.54 -11.64 2.64
C ALA A 28 -4.00 -11.93 2.97
N LYS A 29 -4.24 -12.47 4.16
CA LYS A 29 -5.59 -12.77 4.64
C LYS A 29 -5.95 -11.69 5.65
N VAL A 30 -7.11 -11.07 5.46
CA VAL A 30 -7.54 -10.00 6.34
C VAL A 30 -8.86 -10.31 7.01
N TYR A 31 -8.90 -10.14 8.32
CA TYR A 31 -10.12 -10.39 9.07
C TYR A 31 -10.47 -9.24 9.99
N LYS A 32 -11.71 -8.80 9.91
CA LYS A 32 -12.22 -7.73 10.76
C LYS A 32 -12.78 -8.40 12.01
N LEU A 33 -12.36 -7.94 13.18
CA LEU A 33 -12.83 -8.50 14.43
C LEU A 33 -13.84 -7.59 15.10
N VAL A 34 -15.11 -7.81 14.79
CA VAL A 34 -16.20 -7.02 15.35
C VAL A 34 -16.34 -7.29 16.84
N GLY A 35 -15.91 -6.32 17.65
CA GLY A 35 -15.98 -6.45 19.09
C GLY A 35 -16.99 -5.52 19.71
N GLU A 36 -17.16 -5.64 21.03
CA GLU A 36 -18.10 -4.81 21.76
C GLU A 36 -17.59 -3.39 21.99
N ASN A 37 -16.42 -3.30 22.61
CA ASN A 37 -15.82 -2.01 22.91
C ASN A 37 -15.11 -1.41 21.71
N GLU A 38 -14.81 -2.24 20.72
CA GLU A 38 -14.10 -1.78 19.54
C GLU A 38 -14.06 -2.85 18.46
N ASN A 39 -13.22 -2.62 17.46
CA ASN A 39 -13.04 -3.55 16.37
C ASN A 39 -11.54 -3.74 16.23
N LEU A 40 -11.11 -4.95 15.94
CA LEU A 40 -9.69 -5.19 15.76
C LEU A 40 -9.50 -5.75 14.36
N TYR A 41 -8.25 -5.79 13.92
CA TYR A 41 -7.96 -6.34 12.61
C TYR A 41 -6.82 -7.31 12.65
N LEU A 42 -6.98 -8.40 11.93
CA LEU A 42 -5.95 -9.42 11.87
C LEU A 42 -5.57 -9.59 10.41
N LYS A 43 -4.27 -9.51 10.13
CA LYS A 43 -3.75 -9.66 8.78
C LYS A 43 -2.62 -10.68 8.86
N MET A 44 -2.55 -11.57 7.87
CA MET A 44 -1.51 -12.58 7.87
C MET A 44 -1.09 -13.08 6.50
N THR A 45 0.21 -13.34 6.38
CA THR A 45 0.79 -13.83 5.14
C THR A 45 1.55 -15.12 5.40
N ASP A 46 1.59 -16.00 4.41
CA ASP A 46 2.31 -17.26 4.58
C ASP A 46 3.79 -17.11 4.24
N SER A 47 4.55 -18.13 4.60
CA SER A 47 6.00 -18.18 4.41
C SER A 47 6.56 -17.88 3.02
N ARG A 48 5.80 -18.15 1.97
CA ARG A 48 6.27 -17.93 0.61
C ARG A 48 6.73 -16.49 0.39
N TYR A 49 6.08 -15.55 1.07
CA TYR A 49 6.42 -14.15 0.92
C TYR A 49 7.33 -13.62 2.01
N LYS A 50 7.82 -14.49 2.88
CA LYS A 50 8.71 -14.05 3.95
C LYS A 50 9.81 -13.25 3.28
N GLY A 51 10.19 -12.14 3.90
CA GLY A 51 11.26 -11.32 3.34
C GLY A 51 10.83 -10.29 2.30
N THR A 52 9.73 -10.54 1.62
CA THR A 52 9.22 -9.63 0.60
C THR A 52 8.37 -8.50 1.20
N THR A 53 8.09 -7.48 0.39
CA THR A 53 7.29 -6.34 0.84
C THR A 53 5.86 -6.75 1.16
N TYR A 54 5.51 -8.01 0.92
CA TYR A 54 4.17 -8.49 1.22
C TYR A 54 4.10 -9.00 2.66
N ASP A 55 5.24 -9.48 3.16
CA ASP A 55 5.36 -10.04 4.50
C ASP A 55 4.80 -9.09 5.56
N VAL A 56 3.69 -9.47 6.20
CA VAL A 56 3.12 -8.60 7.22
C VAL A 56 4.19 -8.33 8.27
N GLU A 57 5.13 -9.25 8.39
CA GLU A 57 6.22 -9.15 9.34
C GLU A 57 6.87 -7.78 9.13
N ARG A 58 7.10 -7.48 7.86
CA ARG A 58 7.72 -6.22 7.45
C ARG A 58 6.72 -5.08 7.63
N GLU A 59 5.46 -5.38 7.39
CA GLU A 59 4.35 -4.44 7.51
C GLU A 59 4.25 -4.02 8.97
N LYS A 60 4.48 -4.96 9.88
CA LYS A 60 4.44 -4.68 11.31
C LYS A 60 5.55 -3.72 11.71
N ASP A 61 6.72 -3.92 11.12
CA ASP A 61 7.86 -3.07 11.43
C ASP A 61 7.55 -1.63 11.07
N MET A 62 7.06 -1.42 9.86
CA MET A 62 6.74 -0.07 9.44
C MET A 62 5.60 0.51 10.26
N MET A 63 4.68 -0.35 10.71
CA MET A 63 3.56 0.13 11.50
C MET A 63 4.06 0.68 12.83
N LEU A 64 5.03 0.00 13.41
CA LEU A 64 5.61 0.45 14.68
C LEU A 64 6.42 1.73 14.50
N TRP A 65 7.29 1.74 13.51
CA TRP A 65 8.14 2.90 13.23
C TRP A 65 7.32 4.17 12.99
N LEU A 66 6.30 4.07 12.14
CA LEU A 66 5.45 5.21 11.80
C LEU A 66 4.58 5.76 12.91
N GLU A 67 4.55 5.07 14.04
CA GLU A 67 3.75 5.52 15.15
C GLU A 67 4.31 6.84 15.63
N GLY A 68 3.43 7.81 15.85
CA GLY A 68 3.85 9.12 16.29
C GLY A 68 4.38 9.96 15.14
N LYS A 69 4.16 9.48 13.92
CA LYS A 69 4.63 10.18 12.74
C LYS A 69 3.52 10.26 11.71
N LEU A 70 2.69 9.23 11.68
CA LEU A 70 1.56 9.16 10.76
C LEU A 70 0.42 8.45 11.48
N PRO A 71 -0.82 8.62 10.99
CA PRO A 71 -1.95 7.95 11.62
C PRO A 71 -1.93 6.50 11.16
N VAL A 72 -1.42 5.61 11.99
CA VAL A 72 -1.37 4.20 11.64
C VAL A 72 -2.02 3.37 12.73
N PRO A 73 -2.28 2.08 12.46
CA PRO A 73 -2.90 1.29 13.51
C PRO A 73 -1.93 1.02 14.63
N LYS A 74 -2.47 0.59 15.77
CA LYS A 74 -1.67 0.26 16.93
C LYS A 74 -1.33 -1.20 16.76
N VAL A 75 -0.06 -1.54 16.98
CA VAL A 75 0.38 -2.93 16.89
C VAL A 75 -0.07 -3.58 18.20
N LEU A 76 -1.08 -4.42 18.11
CA LEU A 76 -1.65 -5.09 19.27
C LEU A 76 -1.03 -6.45 19.55
N HIS A 77 -0.66 -7.17 18.50
CA HIS A 77 -0.04 -8.47 18.67
C HIS A 77 0.60 -8.94 17.39
N PHE A 78 1.77 -9.56 17.52
CA PHE A 78 2.46 -10.09 16.36
C PHE A 78 3.13 -11.41 16.72
N GLU A 79 3.07 -12.35 15.79
CA GLU A 79 3.67 -13.66 15.98
C GLU A 79 4.03 -14.28 14.65
N ARG A 80 4.95 -15.24 14.71
CA ARG A 80 5.39 -15.98 13.54
C ARG A 80 5.03 -17.43 13.89
N HIS A 81 3.81 -17.83 13.53
CA HIS A 81 3.29 -19.17 13.83
C HIS A 81 3.03 -20.06 12.60
N ASP A 82 3.80 -21.16 12.50
CA ASP A 82 3.68 -22.12 11.41
C ASP A 82 4.04 -21.58 10.03
N GLY A 83 5.09 -20.77 9.96
CA GLY A 83 5.49 -20.23 8.67
C GLY A 83 4.69 -19.01 8.26
N TRP A 84 3.76 -18.59 9.12
CA TRP A 84 2.95 -17.41 8.84
C TRP A 84 3.35 -16.22 9.70
N SER A 85 3.09 -15.04 9.17
CA SER A 85 3.36 -13.79 9.88
C SER A 85 1.95 -13.26 10.15
N ASN A 86 1.59 -13.21 11.42
CA ASN A 86 0.26 -12.75 11.83
C ASN A 86 0.31 -11.47 12.63
N LEU A 87 -0.50 -10.49 12.22
CA LEU A 87 -0.55 -9.20 12.90
C LEU A 87 -1.94 -8.83 13.44
N LEU A 88 -2.01 -8.49 14.72
CA LEU A 88 -3.25 -8.05 15.36
C LEU A 88 -3.09 -6.55 15.57
N MET A 89 -3.99 -5.76 14.98
CA MET A 89 -3.89 -4.32 15.09
C MET A 89 -5.23 -3.65 15.38
N SER A 90 -5.16 -2.38 15.76
CA SER A 90 -6.37 -1.63 16.06
C SER A 90 -7.01 -1.14 14.76
N GLU A 91 -8.33 -1.00 14.80
CA GLU A 91 -9.06 -0.52 13.63
C GLU A 91 -8.63 0.90 13.32
N ALA A 92 -8.40 1.19 12.04
CA ALA A 92 -8.00 2.53 11.64
C ALA A 92 -9.14 3.47 11.99
N ASP A 93 -8.79 4.63 12.53
CA ASP A 93 -9.81 5.60 12.87
C ASP A 93 -10.23 6.34 11.61
N GLY A 94 -11.51 6.63 11.50
CA GLY A 94 -12.00 7.35 10.33
C GLY A 94 -12.83 6.49 9.41
N VAL A 95 -13.01 6.99 8.19
CA VAL A 95 -13.77 6.28 7.17
C VAL A 95 -12.90 5.99 5.96
N LEU A 96 -12.91 4.73 5.54
CA LEU A 96 -12.17 4.30 4.37
C LEU A 96 -12.45 5.32 3.26
N CYS A 97 -11.40 5.90 2.71
CA CYS A 97 -11.57 6.89 1.66
C CYS A 97 -12.52 6.44 0.55
N SER A 98 -12.29 5.24 0.04
CA SER A 98 -13.12 4.70 -1.04
C SER A 98 -14.61 4.75 -0.68
N GLU A 99 -14.92 4.30 0.53
CA GLU A 99 -16.29 4.27 1.03
C GLU A 99 -16.85 5.67 1.17
N GLU A 100 -16.04 6.56 1.75
CA GLU A 100 -16.43 7.95 1.98
C GLU A 100 -16.86 8.74 0.73
N TYR A 101 -16.39 8.34 -0.44
CA TYR A 101 -16.74 9.03 -1.68
C TYR A 101 -17.21 8.07 -2.79
N GLU A 102 -17.43 6.82 -2.40
CA GLU A 102 -17.87 5.74 -3.29
C GLU A 102 -18.89 6.13 -4.36
N ASP A 103 -19.50 7.30 -4.18
CA ASP A 103 -20.50 7.78 -5.13
C ASP A 103 -20.83 9.21 -4.78
N GLU A 104 -20.01 10.15 -5.24
CA GLU A 104 -20.25 11.55 -4.96
C GLU A 104 -19.66 12.47 -6.01
N GLN A 105 -20.09 13.72 -5.95
CA GLN A 105 -19.62 14.75 -6.85
C GLN A 105 -18.55 15.47 -6.03
N SER A 106 -17.62 14.70 -5.49
CA SER A 106 -16.54 15.27 -4.67
C SER A 106 -15.15 15.05 -5.26
N PRO A 107 -14.99 15.24 -6.59
CA PRO A 107 -13.66 15.03 -7.19
C PRO A 107 -12.58 15.82 -6.47
N GLU A 108 -12.90 17.07 -6.13
CA GLU A 108 -11.96 17.95 -5.45
C GLU A 108 -11.55 17.45 -4.09
N LYS A 109 -12.50 16.87 -3.36
CA LYS A 109 -12.19 16.38 -2.02
C LYS A 109 -11.18 15.25 -2.12
N ILE A 110 -11.37 14.38 -3.10
CA ILE A 110 -10.46 13.26 -3.32
C ILE A 110 -9.05 13.78 -3.59
N ILE A 111 -8.92 14.63 -4.61
CA ILE A 111 -7.64 15.21 -4.98
C ILE A 111 -6.95 15.87 -3.80
N GLU A 112 -7.72 16.58 -2.99
CA GLU A 112 -7.20 17.25 -1.81
C GLU A 112 -6.59 16.24 -0.87
N LEU A 113 -7.31 15.15 -0.64
CA LEU A 113 -6.87 14.09 0.24
C LEU A 113 -5.55 13.51 -0.23
N TYR A 114 -5.45 13.25 -1.53
CA TYR A 114 -4.25 12.70 -2.12
C TYR A 114 -3.04 13.62 -1.94
N ALA A 115 -3.22 14.92 -2.24
CA ALA A 115 -2.14 15.88 -2.12
C ALA A 115 -1.70 16.08 -0.67
N GLU A 116 -2.62 15.92 0.26
CA GLU A 116 -2.32 16.06 1.69
C GLU A 116 -1.42 14.91 2.11
N CYS A 117 -1.73 13.72 1.59
CA CYS A 117 -0.95 12.54 1.91
C CYS A 117 0.48 12.74 1.44
N ILE A 118 0.62 13.28 0.23
CA ILE A 118 1.95 13.51 -0.31
C ILE A 118 2.76 14.53 0.47
N ARG A 119 2.17 15.68 0.79
CA ARG A 119 2.91 16.69 1.54
C ARG A 119 3.28 16.07 2.87
N LEU A 120 2.27 15.49 3.49
CA LEU A 120 2.44 14.84 4.78
C LEU A 120 3.60 13.86 4.70
N PHE A 121 3.63 13.02 3.67
CA PHE A 121 4.71 12.05 3.52
C PHE A 121 6.08 12.73 3.49
N HIS A 122 6.21 13.77 2.67
CA HIS A 122 7.46 14.53 2.54
C HIS A 122 7.99 15.06 3.86
N SER A 123 7.10 15.33 4.81
CA SER A 123 7.51 15.87 6.10
C SER A 123 8.01 14.84 7.10
N ILE A 124 8.17 13.60 6.65
CA ILE A 124 8.59 12.55 7.54
C ILE A 124 10.09 12.29 7.44
N ASP A 125 10.76 12.25 8.58
CA ASP A 125 12.19 12.02 8.67
C ASP A 125 12.49 10.56 8.40
N ILE A 126 13.12 10.29 7.26
CA ILE A 126 13.46 8.91 6.89
C ILE A 126 14.89 8.54 7.30
N SER A 127 15.55 9.41 8.05
CA SER A 127 16.92 9.17 8.48
C SER A 127 17.06 7.81 9.18
N ASP A 128 16.02 7.40 9.92
CA ASP A 128 16.06 6.14 10.63
C ASP A 128 15.00 5.18 10.11
N CYS A 129 14.66 5.29 8.82
CA CYS A 129 13.65 4.40 8.25
C CYS A 129 14.15 2.97 8.12
N PRO A 130 13.47 2.03 8.78
CA PRO A 130 13.81 0.60 8.77
C PRO A 130 14.11 0.00 7.40
N TYR A 131 13.28 0.29 6.41
CA TYR A 131 13.52 -0.27 5.09
C TYR A 131 13.72 0.74 3.98
N THR A 132 14.41 0.30 2.93
CA THR A 132 14.66 1.13 1.77
C THR A 132 14.13 0.42 0.53
N ASN A 133 13.14 1.02 -0.11
CA ASN A 133 12.56 0.41 -1.30
C ASN A 133 12.97 1.13 -2.60
N SER A 134 14.28 1.22 -2.81
CA SER A 134 14.82 1.83 -4.01
C SER A 134 14.51 0.94 -5.21
N LEU A 135 14.55 1.49 -6.40
CA LEU A 135 14.26 0.72 -7.60
C LEU A 135 15.07 -0.57 -7.65
N ASP A 136 16.37 -0.45 -7.37
CA ASP A 136 17.27 -1.60 -7.35
C ASP A 136 16.66 -2.74 -6.53
N SER A 137 16.36 -2.44 -5.26
CA SER A 137 15.77 -3.42 -4.36
C SER A 137 14.44 -3.98 -4.87
N ARG A 138 13.60 -3.10 -5.42
CA ARG A 138 12.31 -3.53 -5.94
C ARG A 138 12.48 -4.51 -7.09
N LEU A 139 13.27 -4.13 -8.09
CA LEU A 139 13.49 -4.99 -9.24
C LEU A 139 14.08 -6.34 -8.83
N ALA A 140 14.89 -6.35 -7.79
CA ALA A 140 15.48 -7.58 -7.31
C ALA A 140 14.34 -8.46 -6.78
N GLU A 141 13.41 -7.81 -6.09
CA GLU A 141 12.26 -8.47 -5.52
C GLU A 141 11.29 -8.93 -6.62
N LEU A 142 11.15 -8.14 -7.67
CA LEU A 142 10.27 -8.52 -8.76
C LEU A 142 10.85 -9.78 -9.38
N ASP A 143 12.14 -9.72 -9.68
CA ASP A 143 12.86 -10.83 -10.28
C ASP A 143 12.63 -12.11 -9.47
N TYR A 144 12.70 -11.98 -8.15
CA TYR A 144 12.50 -13.07 -7.22
C TYR A 144 11.09 -13.65 -7.33
N LEU A 145 10.11 -12.77 -7.35
CA LEU A 145 8.71 -13.16 -7.44
C LEU A 145 8.46 -13.95 -8.71
N LEU A 146 8.92 -13.42 -9.84
CA LEU A 146 8.74 -14.09 -11.11
C LEU A 146 9.43 -15.45 -11.13
N ASN A 147 10.64 -15.52 -10.61
CA ASN A 147 11.37 -16.78 -10.59
C ASN A 147 10.65 -17.84 -9.77
N ASN A 148 10.03 -17.42 -8.67
CA ASN A 148 9.33 -18.35 -7.80
C ASN A 148 7.84 -18.42 -8.05
N ASP A 149 7.42 -17.85 -9.17
CA ASP A 149 6.02 -17.86 -9.59
C ASP A 149 5.07 -17.28 -8.55
N LEU A 150 5.56 -16.32 -7.78
CA LEU A 150 4.74 -15.68 -6.76
C LEU A 150 3.92 -14.51 -7.28
N ALA A 151 4.01 -14.26 -8.58
CA ALA A 151 3.28 -13.16 -9.20
C ALA A 151 2.24 -13.64 -10.22
N ASP A 152 1.10 -12.96 -10.22
CA ASP A 152 0.05 -13.31 -11.17
C ASP A 152 0.39 -12.61 -12.48
N VAL A 153 0.92 -13.38 -13.42
CA VAL A 153 1.32 -12.87 -14.71
C VAL A 153 0.22 -13.01 -15.77
N ASP A 154 -0.80 -13.78 -15.47
CA ASP A 154 -1.86 -14.00 -16.46
C ASP A 154 -3.15 -13.26 -16.18
N CYS A 155 -3.62 -13.37 -14.95
CA CYS A 155 -4.90 -12.79 -14.58
C CYS A 155 -4.92 -11.58 -13.62
N GLU A 156 -4.15 -10.53 -13.93
CA GLU A 156 -4.13 -9.32 -13.11
C GLU A 156 -4.89 -8.22 -13.88
N ASN A 157 -5.30 -7.16 -13.17
CA ASN A 157 -6.03 -6.04 -13.79
C ASN A 157 -5.03 -5.00 -14.26
N TRP A 158 -4.49 -5.21 -15.46
CA TRP A 158 -3.50 -4.32 -16.04
C TRP A 158 -4.06 -3.03 -16.63
N GLU A 159 -3.18 -2.02 -16.71
CA GLU A 159 -3.55 -0.72 -17.29
C GLU A 159 -3.77 -0.94 -18.78
N GLU A 160 -4.76 -0.25 -19.34
CA GLU A 160 -5.07 -0.37 -20.75
C GLU A 160 -3.87 0.09 -21.59
N ASP A 161 -2.91 0.75 -20.95
CA ASP A 161 -1.76 1.26 -21.68
C ASP A 161 -0.41 0.56 -21.47
N THR A 162 -0.42 -0.62 -20.86
CA THR A 162 0.83 -1.36 -20.64
C THR A 162 1.18 -2.08 -21.96
N PRO A 163 2.22 -1.61 -22.64
CA PRO A 163 2.70 -2.14 -23.93
C PRO A 163 3.06 -3.62 -23.92
N PHE A 164 4.16 -3.94 -23.23
CA PHE A 164 4.72 -5.27 -23.09
C PHE A 164 3.80 -6.47 -23.35
N LYS A 165 4.37 -7.48 -24.00
CA LYS A 165 3.62 -8.69 -24.33
C LYS A 165 3.85 -9.82 -23.33
N ASP A 166 4.70 -9.58 -22.33
CA ASP A 166 4.99 -10.58 -21.31
C ASP A 166 5.76 -9.98 -20.14
N PRO A 167 5.82 -10.69 -19.00
CA PRO A 167 6.52 -10.23 -17.80
C PRO A 167 7.93 -9.69 -17.99
N ARG A 168 8.81 -10.49 -18.58
CA ARG A 168 10.19 -10.09 -18.77
C ARG A 168 10.41 -8.89 -19.66
N GLU A 169 9.49 -8.61 -20.58
CA GLU A 169 9.65 -7.43 -21.43
C GLU A 169 9.58 -6.22 -20.50
N LEU A 170 8.58 -6.25 -19.62
CA LEU A 170 8.35 -5.17 -18.67
C LEU A 170 9.48 -5.10 -17.64
N TYR A 171 9.92 -6.26 -17.15
CA TYR A 171 11.00 -6.28 -16.19
C TYR A 171 12.21 -5.60 -16.82
N ASP A 172 12.56 -6.08 -18.02
CA ASP A 172 13.69 -5.56 -18.77
C ASP A 172 13.62 -4.04 -18.87
N PHE A 173 12.47 -3.54 -19.30
CA PHE A 173 12.24 -2.10 -19.43
C PHE A 173 12.52 -1.37 -18.13
N LEU A 174 11.87 -1.81 -17.06
CA LEU A 174 12.06 -1.19 -15.73
C LEU A 174 13.52 -1.20 -15.36
N LYS A 175 14.21 -2.26 -15.75
CA LYS A 175 15.63 -2.47 -15.44
C LYS A 175 16.51 -1.60 -16.33
N THR A 176 15.96 -1.17 -17.46
CA THR A 176 16.70 -0.36 -18.43
C THR A 176 16.39 1.13 -18.36
N GLU A 177 15.18 1.47 -17.92
CA GLU A 177 14.76 2.86 -17.83
C GLU A 177 14.78 3.42 -16.42
N LYS A 178 15.36 2.67 -15.48
CA LYS A 178 15.44 3.15 -14.11
C LYS A 178 15.63 4.65 -14.15
N PRO A 179 14.74 5.42 -13.50
CA PRO A 179 14.95 6.86 -13.55
C PRO A 179 15.78 7.26 -12.35
N GLU A 180 16.18 8.53 -12.33
CA GLU A 180 16.95 9.05 -11.20
C GLU A 180 15.99 8.91 -10.00
N GLU A 181 16.55 8.70 -8.82
CA GLU A 181 15.76 8.56 -7.62
C GLU A 181 16.12 9.61 -6.57
N GLU A 182 15.09 10.07 -5.85
CA GLU A 182 15.26 11.05 -4.78
C GLU A 182 14.42 10.58 -3.59
N LEU A 183 15.05 9.78 -2.73
CA LEU A 183 14.38 9.22 -1.56
C LEU A 183 13.57 10.18 -0.71
N VAL A 184 12.39 9.73 -0.30
CA VAL A 184 11.45 10.47 0.54
C VAL A 184 10.62 9.35 1.15
N PHE A 185 9.80 9.63 2.17
CA PHE A 185 8.98 8.55 2.72
C PHE A 185 7.97 8.12 1.65
N SER A 186 7.79 6.82 1.50
CA SER A 186 6.88 6.28 0.50
C SER A 186 5.95 5.25 1.10
N HIS A 187 4.66 5.37 0.80
CA HIS A 187 3.69 4.43 1.31
C HIS A 187 3.83 3.09 0.62
N GLY A 188 3.96 3.12 -0.70
CA GLY A 188 4.13 1.89 -1.44
C GLY A 188 2.88 1.46 -2.22
N ASP A 189 1.71 1.74 -1.67
CA ASP A 189 0.46 1.37 -2.34
C ASP A 189 -0.61 2.36 -1.95
N LEU A 190 -0.40 3.61 -2.35
CA LEU A 190 -1.31 4.69 -2.02
C LEU A 190 -2.56 4.68 -2.88
N GLY A 191 -3.67 4.27 -2.28
CA GLY A 191 -4.94 4.24 -2.97
C GLY A 191 -6.07 4.42 -1.97
N ASP A 192 -7.28 4.69 -2.45
CA ASP A 192 -8.43 4.92 -1.58
C ASP A 192 -8.88 3.68 -0.79
N SER A 193 -8.14 2.59 -0.95
CA SER A 193 -8.42 1.33 -0.27
C SER A 193 -7.52 1.17 0.97
N ASN A 194 -6.50 2.00 1.06
CA ASN A 194 -5.55 1.93 2.17
C ASN A 194 -5.47 3.23 2.98
N ILE A 195 -6.33 4.19 2.64
CA ILE A 195 -6.36 5.49 3.30
C ILE A 195 -7.68 5.78 4.00
N PHE A 196 -7.61 6.35 5.21
CA PHE A 196 -8.82 6.69 5.97
C PHE A 196 -8.97 8.19 6.13
N VAL A 197 -10.20 8.67 6.09
CA VAL A 197 -10.46 10.10 6.21
C VAL A 197 -11.51 10.44 7.30
N LYS A 198 -11.39 11.63 7.87
CA LYS A 198 -12.31 12.08 8.91
C LYS A 198 -12.45 13.60 8.94
N ASP A 199 -13.69 14.07 8.84
CA ASP A 199 -13.98 15.50 8.84
C ASP A 199 -13.24 16.17 7.68
N GLY A 200 -12.98 15.41 6.63
CA GLY A 200 -12.31 15.96 5.46
C GLY A 200 -10.81 16.09 5.62
N LYS A 201 -10.21 15.13 6.32
CA LYS A 201 -8.77 15.14 6.59
C LYS A 201 -8.32 13.68 6.66
N VAL A 202 -7.05 13.42 6.35
CA VAL A 202 -6.56 12.04 6.42
C VAL A 202 -6.53 11.66 7.89
N SER A 203 -7.02 10.47 8.20
CA SER A 203 -7.06 10.02 9.57
C SER A 203 -6.35 8.70 9.77
N GLY A 204 -5.87 8.09 8.69
CA GLY A 204 -5.19 6.82 8.84
C GLY A 204 -4.66 6.17 7.58
N PHE A 205 -3.62 5.36 7.75
CA PHE A 205 -2.97 4.63 6.66
C PHE A 205 -2.76 3.18 7.08
N ILE A 206 -3.04 2.25 6.16
CA ILE A 206 -2.85 0.82 6.41
C ILE A 206 -2.10 0.23 5.22
N ASP A 207 -1.88 -1.09 5.23
CA ASP A 207 -1.20 -1.77 4.14
C ASP A 207 0.19 -1.13 4.05
N LEU A 208 1.09 -1.52 4.94
CA LEU A 208 2.42 -0.90 4.99
C LEU A 208 3.62 -1.76 4.61
N GLY A 209 3.38 -3.03 4.32
CA GLY A 209 4.47 -3.93 3.96
C GLY A 209 5.41 -3.37 2.91
N ARG A 210 4.93 -2.43 2.10
CA ARG A 210 5.74 -1.85 1.04
C ARG A 210 6.26 -0.45 1.36
N SER A 211 6.05 0.00 2.60
CA SER A 211 6.47 1.33 3.04
C SER A 211 7.95 1.38 3.33
N GLY A 212 8.51 2.58 3.24
CA GLY A 212 9.93 2.78 3.50
C GLY A 212 10.43 3.92 2.65
N ARG A 213 11.72 3.90 2.29
CA ARG A 213 12.29 4.95 1.46
C ARG A 213 12.13 4.57 0.00
N ALA A 214 11.80 5.55 -0.82
CA ALA A 214 11.64 5.36 -2.26
C ALA A 214 11.54 6.75 -2.88
N ASP A 215 11.53 6.82 -4.20
CA ASP A 215 11.46 8.10 -4.86
C ASP A 215 10.12 8.82 -4.72
N LYS A 216 10.19 10.15 -4.72
CA LYS A 216 9.00 10.97 -4.60
C LYS A 216 7.91 10.66 -5.63
N TRP A 217 8.30 10.39 -6.87
CA TRP A 217 7.34 10.12 -7.90
C TRP A 217 6.54 8.83 -7.79
N TYR A 218 6.98 7.91 -6.94
CA TYR A 218 6.28 6.66 -6.76
C TYR A 218 4.82 6.91 -6.38
N ASP A 219 4.63 7.51 -5.20
CA ASP A 219 3.30 7.80 -4.67
C ASP A 219 2.55 8.79 -5.52
N ILE A 220 3.25 9.78 -6.01
CA ILE A 220 2.62 10.76 -6.85
C ILE A 220 1.98 10.00 -8.01
N ALA A 221 2.76 9.11 -8.63
CA ALA A 221 2.28 8.31 -9.77
C ALA A 221 1.02 7.52 -9.44
N PHE A 222 1.02 6.85 -8.29
CA PHE A 222 -0.13 6.08 -7.86
C PHE A 222 -1.39 6.93 -7.79
N CYS A 223 -1.26 8.14 -7.25
CA CYS A 223 -2.42 9.05 -7.16
C CYS A 223 -2.93 9.37 -8.54
N VAL A 224 -2.03 9.76 -9.43
CA VAL A 224 -2.40 10.09 -10.80
C VAL A 224 -3.19 8.94 -11.41
N ARG A 225 -2.69 7.73 -11.21
CA ARG A 225 -3.31 6.53 -11.75
C ARG A 225 -4.76 6.40 -11.28
N SER A 226 -5.00 6.53 -9.98
CA SER A 226 -6.35 6.44 -9.45
C SER A 226 -7.18 7.55 -10.08
N ILE A 227 -6.71 8.78 -9.91
CA ILE A 227 -7.40 9.92 -10.43
C ILE A 227 -7.85 9.74 -11.86
N ARG A 228 -6.92 9.48 -12.77
CA ARG A 228 -7.33 9.33 -14.16
C ARG A 228 -8.39 8.26 -14.41
N GLU A 229 -8.48 7.24 -13.56
CA GLU A 229 -9.49 6.22 -13.78
C GLU A 229 -10.78 6.47 -13.03
N ASP A 230 -10.67 6.97 -11.81
CA ASP A 230 -11.83 7.22 -10.96
C ASP A 230 -12.56 8.56 -11.19
N ILE A 231 -12.00 9.43 -12.02
CA ILE A 231 -12.64 10.72 -12.30
C ILE A 231 -12.26 11.24 -13.69
N GLY A 232 -12.51 10.46 -14.73
CA GLY A 232 -12.18 10.86 -16.09
C GLY A 232 -12.31 12.35 -16.38
N GLU A 233 -11.17 13.02 -16.52
CA GLU A 233 -11.12 14.46 -16.79
C GLU A 233 -9.67 14.95 -16.64
N GLU A 234 -8.92 14.96 -17.73
CA GLU A 234 -7.53 15.39 -17.68
C GLU A 234 -7.35 16.62 -16.78
N GLN A 235 -8.40 17.42 -16.67
CA GLN A 235 -8.39 18.63 -15.84
C GLN A 235 -8.19 18.42 -14.35
N TYR A 236 -8.66 17.28 -13.84
CA TYR A 236 -8.52 16.99 -12.42
C TYR A 236 -7.13 16.53 -12.02
N VAL A 237 -6.35 16.10 -13.00
CA VAL A 237 -4.98 15.70 -12.76
C VAL A 237 -4.15 16.97 -12.59
N GLU A 238 -4.43 17.96 -13.44
CA GLU A 238 -3.73 19.25 -13.38
C GLU A 238 -3.92 19.93 -12.02
N LEU A 239 -5.11 19.75 -11.46
CA LEU A 239 -5.47 20.33 -10.16
C LEU A 239 -4.64 19.70 -9.06
N PHE A 240 -4.49 18.39 -9.12
CA PHE A 240 -3.71 17.65 -8.14
C PHE A 240 -2.31 18.23 -8.10
N PHE A 241 -1.75 18.51 -9.27
CA PHE A 241 -0.41 19.09 -9.32
C PHE A 241 -0.41 20.52 -8.79
N ASP A 242 -1.47 21.27 -9.09
CA ASP A 242 -1.60 22.63 -8.59
C ASP A 242 -1.53 22.60 -7.06
N LEU A 243 -2.20 21.63 -6.46
CA LEU A 243 -2.21 21.50 -5.02
C LEU A 243 -0.87 21.04 -4.46
N LEU A 244 -0.16 20.19 -5.19
CA LEU A 244 1.15 19.72 -4.76
C LEU A 244 2.15 20.84 -5.04
N GLY A 245 1.81 21.67 -6.02
CA GLY A 245 2.67 22.78 -6.39
C GLY A 245 3.89 22.37 -7.19
N ILE A 246 3.72 21.39 -8.07
CA ILE A 246 4.83 20.92 -8.90
C ILE A 246 4.37 20.54 -10.30
N LYS A 247 5.30 20.49 -11.23
CA LYS A 247 4.99 20.12 -12.61
C LYS A 247 5.11 18.61 -12.72
N PRO A 248 4.31 17.99 -13.61
CA PRO A 248 4.35 16.54 -13.81
C PRO A 248 5.57 16.08 -14.61
N ASP A 249 6.22 15.02 -14.15
CA ASP A 249 7.33 14.42 -14.90
C ASP A 249 6.69 13.14 -15.47
N TRP A 250 6.01 13.29 -16.61
CA TRP A 250 5.31 12.18 -17.24
C TRP A 250 6.13 10.93 -17.43
N GLU A 251 7.41 11.10 -17.77
CA GLU A 251 8.28 9.96 -17.99
C GLU A 251 8.35 9.12 -16.73
N LYS A 252 8.46 9.78 -15.58
CA LYS A 252 8.56 9.06 -14.31
C LYS A 252 7.21 8.54 -13.83
N ILE A 253 6.14 9.26 -14.13
CA ILE A 253 4.83 8.78 -13.70
C ILE A 253 4.56 7.46 -14.40
N LYS A 254 4.81 7.41 -15.70
CA LYS A 254 4.59 6.20 -16.48
C LYS A 254 5.41 5.04 -15.94
N TYR A 255 6.65 5.33 -15.60
CA TYR A 255 7.55 4.32 -15.08
C TYR A 255 7.02 3.64 -13.82
N TYR A 256 6.79 4.44 -12.77
CA TYR A 256 6.29 3.88 -11.51
C TYR A 256 4.94 3.20 -11.65
N ILE A 257 4.15 3.64 -12.61
CA ILE A 257 2.86 3.01 -12.83
C ILE A 257 3.10 1.61 -13.34
N LEU A 258 4.04 1.47 -14.28
CA LEU A 258 4.36 0.16 -14.83
C LEU A 258 5.00 -0.70 -13.76
N LEU A 259 5.83 -0.10 -12.91
CA LEU A 259 6.49 -0.88 -11.87
C LEU A 259 5.51 -1.66 -11.01
N ASP A 260 4.32 -1.10 -10.80
CA ASP A 260 3.32 -1.74 -9.95
C ASP A 260 2.55 -2.84 -10.64
N GLU A 261 2.62 -2.85 -11.96
CA GLU A 261 1.90 -3.81 -12.77
C GLU A 261 2.01 -5.28 -12.33
N LEU A 262 3.23 -5.77 -12.09
CA LEU A 262 3.40 -7.17 -11.67
C LEU A 262 3.29 -7.44 -10.17
N PHE A 263 2.98 -6.44 -9.36
CA PHE A 263 2.88 -6.69 -7.91
C PHE A 263 1.43 -6.93 -7.45
#